data_9P4A
#
_entry.id   9P4A
#
_cell.length_a   43.600
_cell.length_b   84.807
_cell.length_c   82.181
_cell.angle_alpha   90.000
_cell.angle_beta   102.879
_cell.angle_gamma   90.000
#
_symmetry.space_group_name_H-M   'P 1 21 1'
#
loop_
_entity.id
_entity.type
_entity.pdbx_description
1 polymer 'Dihydropteroate synthase'
2 non-polymer '(2S)-2-(7-amino-4,5-dioxo-1,4,5,6-tetrahydropyrimido[4,5-c]pyridazin-3-yl)propanoic acid'
3 water water
#
_entity_poly.entity_id   1
_entity_poly.type   'polypeptide(L)'
_entity_poly.pdbx_seq_one_letter_code
;GSMKLFAQGTSLDLSHPHVMGILNVTPDSFSDGGTHNSLIDAVKHANLMINAGATIIDVGGESTRPGAAEVSVEEELQRV
IPVVEAIAQRFEVWISVDTSKPEVIRESAKVGAHIINDIRSLSEPGALEAAAETGLPVCLMHMQGNPKTMQEAPKYDDVF
AEVNRYFIEQIARCEQAGIAKEKLLLDPGFGFGKNLSHNYSLLARLAEFHHFNLPLLVGMSRKSMIGQLLNVGPSERLSG
SLACAVIAAMQGAHIIRVHDVKETVEAMRVVEATLSAKENKRYE
;
_entity_poly.pdbx_strand_id   A,B
#
# COMPACT_ATOMS: atom_id res chain seq x y z
N MET A 3 -11.82 17.86 12.00
CA MET A 3 -11.84 16.88 13.09
C MET A 3 -10.50 16.79 13.81
N LYS A 4 -10.49 17.28 15.05
CA LYS A 4 -9.29 17.39 15.86
C LYS A 4 -9.47 16.66 17.19
N LEU A 5 -8.35 16.45 17.87
CA LEU A 5 -8.30 16.04 19.27
C LEU A 5 -7.64 17.14 20.07
N PHE A 6 -7.97 17.19 21.36
CA PHE A 6 -7.44 18.22 22.26
C PHE A 6 -6.98 17.55 23.55
N ALA A 7 -5.72 17.75 23.91
CA ALA A 7 -5.22 17.18 25.14
C ALA A 7 -4.05 18.01 25.61
N GLN A 8 -3.90 18.10 26.94
CA GLN A 8 -2.87 18.87 27.64
C GLN A 8 -2.56 20.19 26.94
N GLY A 9 -3.62 20.93 26.59
CA GLY A 9 -3.50 22.23 25.97
C GLY A 9 -3.22 22.22 24.49
N THR A 10 -2.76 21.10 23.95
CA THR A 10 -2.39 21.04 22.55
C THR A 10 -3.54 20.47 21.73
N SER A 11 -3.26 20.18 20.47
CA SER A 11 -4.26 19.71 19.54
C SER A 11 -3.62 18.70 18.61
N LEU A 12 -4.43 17.77 18.12
CA LEU A 12 -4.00 16.84 17.09
C LEU A 12 -4.94 17.00 15.90
N ASP A 13 -4.35 17.27 14.73
CA ASP A 13 -5.10 17.49 13.50
C ASP A 13 -5.29 16.15 12.80
N LEU A 14 -6.51 15.60 12.85
CA LEU A 14 -6.81 14.37 12.14
C LEU A 14 -7.29 14.68 10.72
N SER A 15 -6.76 15.74 10.12
CA SER A 15 -7.05 16.06 8.72
C SER A 15 -6.18 15.28 7.76
N HIS A 16 -5.09 14.69 8.23
CA HIS A 16 -4.27 13.79 7.45
C HIS A 16 -3.94 12.62 8.33
N PRO A 17 -3.51 11.49 7.77
CA PRO A 17 -3.25 10.31 8.59
C PRO A 17 -1.94 10.45 9.38
N HIS A 18 -1.84 9.61 10.41
CA HIS A 18 -0.87 9.80 11.47
C HIS A 18 -0.23 8.47 11.84
N VAL A 19 1.09 8.45 11.85
CA VAL A 19 1.83 7.27 12.25
C VAL A 19 2.11 7.35 13.75
N MET A 20 1.62 6.36 14.48
CA MET A 20 2.02 6.12 15.85
C MET A 20 2.95 4.90 15.97
N GLY A 21 4.13 5.11 16.56
CA GLY A 21 5.02 4.00 16.85
C GLY A 21 4.65 3.28 18.14
N ILE A 22 5.34 2.17 18.41
CA ILE A 22 5.08 1.35 19.59
C ILE A 22 6.33 1.29 20.45
N LEU A 23 6.15 1.53 21.77
CA LEU A 23 7.25 1.65 22.73
C LEU A 23 6.97 0.70 23.91
N ASN A 24 6.99 -0.61 23.65
CA ASN A 24 6.90 -1.59 24.73
C ASN A 24 8.04 -1.42 25.72
N VAL A 25 7.75 -0.89 26.90
CA VAL A 25 8.75 -0.69 27.95
C VAL A 25 8.83 -1.94 28.84
N THR A 26 8.54 -3.09 28.25
CA THR A 26 8.80 -4.35 28.94
C THR A 26 10.21 -4.84 28.60
N ASN A 37 19.99 0.64 32.37
CA ASN A 37 19.33 0.77 31.09
C ASN A 37 17.85 1.11 31.26
N SER A 38 16.99 0.35 30.57
CA SER A 38 15.54 0.49 30.63
C SER A 38 15.06 1.87 30.19
N LEU A 39 15.09 2.84 31.12
CA LEU A 39 14.59 4.18 30.84
C LEU A 39 15.36 4.85 29.70
N ILE A 40 16.67 4.63 29.65
CA ILE A 40 17.45 5.21 28.56
C ILE A 40 17.24 4.44 27.26
N ASP A 41 17.14 3.11 27.33
CA ASP A 41 16.72 2.27 26.21
C ASP A 41 15.34 2.64 25.69
N ALA A 42 14.59 3.47 26.42
CA ALA A 42 13.25 3.92 26.04
C ALA A 42 13.28 5.27 25.35
N VAL A 43 13.99 6.24 25.93
CA VAL A 43 14.04 7.57 25.34
C VAL A 43 14.82 7.55 24.03
N LYS A 44 15.93 6.80 23.99
CA LYS A 44 16.61 6.55 22.72
C LYS A 44 15.64 6.11 21.64
N HIS A 45 14.80 5.11 21.95
CA HIS A 45 13.93 4.52 20.95
C HIS A 45 12.87 5.51 20.47
N ALA A 46 12.34 6.32 21.40
CA ALA A 46 11.32 7.29 21.02
C ALA A 46 11.92 8.45 20.21
N ASN A 47 13.12 8.90 20.59
CA ASN A 47 13.90 9.81 19.75
C ASN A 47 13.88 9.36 18.31
N LEU A 48 14.34 8.15 18.06
CA LEU A 48 14.41 7.62 16.70
C LEU A 48 13.06 7.70 16.00
N MET A 49 12.03 7.13 16.61
CA MET A 49 10.71 7.09 15.97
C MET A 49 10.16 8.49 15.72
N ILE A 50 10.47 9.46 16.58
CA ILE A 50 10.11 10.84 16.30
C ILE A 50 10.89 11.37 15.11
N ASN A 51 12.19 11.01 15.03
CA ASN A 51 13.00 11.34 13.85
C ASN A 51 12.43 10.72 12.59
N ALA A 52 11.82 9.53 12.71
CA ALA A 52 11.19 8.88 11.59
C ALA A 52 9.94 9.62 11.12
N GLY A 53 9.34 10.43 11.96
CA GLY A 53 8.07 11.05 11.64
C GLY A 53 6.87 10.52 12.41
N ALA A 54 7.07 9.74 13.46
CA ALA A 54 5.93 9.40 14.32
C ALA A 54 5.37 10.66 14.97
N THR A 55 4.06 10.81 14.88
CA THR A 55 3.40 11.94 15.49
C THR A 55 2.79 11.59 16.85
N ILE A 56 2.75 10.30 17.18
CA ILE A 56 2.34 9.82 18.50
C ILE A 56 3.26 8.67 18.87
N ILE A 57 3.51 8.51 20.17
CA ILE A 57 4.15 7.31 20.71
C ILE A 57 3.09 6.56 21.51
N ASP A 58 3.18 5.24 21.49
CA ASP A 58 2.30 4.36 22.26
C ASP A 58 3.15 3.66 23.33
N VAL A 59 3.16 4.22 24.59
CA VAL A 59 3.96 3.64 25.68
C VAL A 59 3.15 2.59 26.41
N GLY A 60 3.82 1.61 26.99
CA GLY A 60 3.09 0.51 27.57
C GLY A 60 3.99 -0.59 28.08
N GLY A 61 3.54 -1.33 29.08
CA GLY A 61 4.32 -2.43 29.60
C GLY A 61 3.53 -3.69 29.92
N GLU A 62 2.44 -3.92 29.20
CA GLU A 62 1.57 -5.06 29.51
C GLU A 62 1.36 -6.01 28.32
N GLU A 70 -1.15 -11.11 34.56
CA GLU A 70 -0.66 -9.82 34.09
C GLU A 70 0.38 -9.28 35.10
N VAL A 71 0.67 -7.96 35.05
CA VAL A 71 1.56 -7.34 36.01
C VAL A 71 0.72 -6.57 37.02
N SER A 72 1.30 -6.33 38.18
CA SER A 72 0.70 -5.54 39.24
C SER A 72 0.68 -4.06 38.84
N VAL A 73 -0.24 -3.31 39.46
CA VAL A 73 -0.34 -1.89 39.21
C VAL A 73 0.89 -1.12 39.71
N GLU A 74 1.69 -1.69 40.62
CA GLU A 74 2.92 -1.01 41.01
C GLU A 74 4.04 -1.27 40.00
N GLU A 75 4.17 -2.53 39.54
CA GLU A 75 5.09 -2.81 38.45
C GLU A 75 4.82 -1.89 37.26
N GLU A 76 3.55 -1.69 36.92
CA GLU A 76 3.22 -0.96 35.71
C GLU A 76 3.54 0.52 35.84
N LEU A 77 2.99 1.19 36.86
CA LEU A 77 3.38 2.57 37.16
C LEU A 77 4.89 2.73 37.21
N GLN A 78 5.57 1.77 37.86
CA GLN A 78 7.02 1.80 37.99
C GLN A 78 7.69 1.99 36.63
N ARG A 79 7.17 1.34 35.60
CA ARG A 79 7.77 1.29 34.27
C ARG A 79 7.27 2.40 33.35
N VAL A 80 5.95 2.59 33.27
CA VAL A 80 5.39 3.40 32.20
C VAL A 80 5.32 4.89 32.51
N ILE A 81 5.39 5.28 33.79
CA ILE A 81 5.14 6.68 34.19
C ILE A 81 6.38 7.55 34.00
N PRO A 82 7.56 7.14 34.45
CA PRO A 82 8.74 7.98 34.18
C PRO A 82 9.00 8.17 32.70
N VAL A 83 8.65 7.20 31.86
CA VAL A 83 8.99 7.28 30.43
C VAL A 83 8.13 8.32 29.74
N VAL A 84 6.83 8.38 30.08
CA VAL A 84 5.96 9.47 29.65
C VAL A 84 6.53 10.82 30.06
N GLU A 85 7.08 10.90 31.28
CA GLU A 85 7.59 12.15 31.84
C GLU A 85 8.75 12.68 31.01
N ALA A 86 9.76 11.84 30.79
CA ALA A 86 10.90 12.25 29.97
C ALA A 86 10.46 12.70 28.58
N ILE A 87 9.47 12.01 27.99
CA ILE A 87 9.07 12.35 26.64
C ILE A 87 8.29 13.68 26.63
N ALA A 88 7.41 13.88 27.61
CA ALA A 88 6.69 15.15 27.70
C ALA A 88 7.66 16.32 27.86
N GLN A 89 8.77 16.10 28.56
CA GLN A 89 9.71 17.18 28.84
C GLN A 89 10.96 17.10 27.97
N ARG A 90 10.83 16.49 26.77
CA ARG A 90 11.89 16.53 25.74
C ARG A 90 11.38 16.72 24.31
N PHE A 91 10.16 16.28 23.94
CA PHE A 91 9.69 16.39 22.56
C PHE A 91 8.26 16.87 22.51
N GLU A 92 7.93 17.66 21.49
CA GLU A 92 6.57 18.16 21.34
C GLU A 92 5.70 17.14 20.62
N VAL A 93 6.02 15.87 20.79
CA VAL A 93 5.23 14.82 20.20
C VAL A 93 4.09 14.47 21.15
N TRP A 94 3.01 13.97 20.58
CA TRP A 94 1.92 13.45 21.40
C TRP A 94 2.28 12.09 21.98
N ILE A 95 1.65 11.77 23.11
CA ILE A 95 2.03 10.62 23.93
C ILE A 95 0.77 9.83 24.25
N SER A 96 0.82 8.53 24.01
CA SER A 96 -0.33 7.64 24.12
C SER A 96 0.05 6.55 25.10
N VAL A 97 -0.72 6.41 26.16
CA VAL A 97 -0.45 5.42 27.20
C VAL A 97 -1.30 4.21 26.90
N ASP A 98 -0.66 3.05 26.78
CA ASP A 98 -1.35 1.80 26.56
C ASP A 98 -1.46 1.05 27.89
N THR A 99 -2.68 1.04 28.44
CA THR A 99 -2.93 0.47 29.76
C THR A 99 -4.42 0.41 30.02
N SER A 100 -4.80 -0.36 31.05
CA SER A 100 -6.20 -0.48 31.45
C SER A 100 -6.47 -0.08 32.90
N LYS A 101 -5.43 0.28 33.69
CA LYS A 101 -5.60 0.45 35.12
C LYS A 101 -5.88 1.90 35.46
N PRO A 102 -6.72 2.15 36.48
CA PRO A 102 -7.17 3.53 36.72
C PRO A 102 -6.09 4.41 37.33
N GLU A 103 -5.24 3.88 38.22
CA GLU A 103 -4.13 4.65 38.74
C GLU A 103 -3.26 5.17 37.62
N VAL A 104 -3.00 4.30 36.62
CA VAL A 104 -2.13 4.62 35.50
C VAL A 104 -2.74 5.74 34.67
N ILE A 105 -4.05 5.65 34.43
CA ILE A 105 -4.79 6.68 33.72
C ILE A 105 -4.61 8.04 34.40
N ARG A 106 -4.84 8.09 35.71
CA ARG A 106 -4.84 9.36 36.43
C ARG A 106 -3.43 9.90 36.67
N GLU A 107 -2.43 9.02 36.77
CA GLU A 107 -1.07 9.46 36.97
C GLU A 107 -0.39 9.86 35.65
N SER A 108 -0.61 9.08 34.58
CA SER A 108 -0.14 9.47 33.25
C SER A 108 -0.68 10.84 32.85
N ALA A 109 -1.97 11.08 33.08
CA ALA A 109 -2.55 12.38 32.74
C ALA A 109 -1.85 13.50 33.51
N LYS A 110 -1.49 13.25 34.78
CA LYS A 110 -0.85 14.25 35.65
C LYS A 110 0.59 14.57 35.23
N VAL A 111 1.18 13.79 34.32
CA VAL A 111 2.53 14.02 33.86
C VAL A 111 2.60 14.62 32.46
N GLY A 112 1.56 14.41 31.63
CA GLY A 112 1.51 15.05 30.33
C GLY A 112 1.19 14.12 29.19
N ALA A 113 0.41 13.07 29.45
CA ALA A 113 -0.07 12.16 28.42
C ALA A 113 -1.24 12.77 27.67
N HIS A 114 -1.47 12.30 26.46
CA HIS A 114 -2.51 12.88 25.61
C HIS A 114 -3.68 11.95 25.35
N ILE A 115 -3.43 10.68 25.06
CA ILE A 115 -4.49 9.72 24.82
C ILE A 115 -4.37 8.59 25.83
N ILE A 116 -5.46 8.31 26.53
CA ILE A 116 -5.64 7.01 27.16
C ILE A 116 -5.89 6.00 26.06
N ASN A 117 -5.02 5.01 25.94
CA ASN A 117 -5.23 3.88 25.03
C ASN A 117 -5.48 2.63 25.86
N ASP A 118 -6.74 2.19 25.89
CA ASP A 118 -7.11 0.99 26.63
C ASP A 118 -7.63 -0.04 25.62
N ILE A 119 -6.83 -1.10 25.42
CA ILE A 119 -7.25 -2.25 24.62
C ILE A 119 -8.47 -2.94 25.24
N ARG A 120 -8.57 -2.94 26.58
CA ARG A 120 -9.70 -3.52 27.28
C ARG A 120 -10.94 -2.63 27.27
N SER A 121 -10.82 -1.41 26.75
CA SER A 121 -11.94 -0.46 26.64
C SER A 121 -12.56 -0.14 28.00
N LEU A 122 -11.71 0.37 28.89
CA LEU A 122 -12.13 0.96 30.17
C LEU A 122 -12.90 -0.04 31.04
N SER A 123 -12.68 -1.33 30.79
CA SER A 123 -13.50 -2.35 31.42
C SER A 123 -13.07 -2.64 32.86
N GLU A 124 -11.83 -2.30 33.22
CA GLU A 124 -11.30 -2.65 34.54
C GLU A 124 -11.89 -1.74 35.63
N PRO A 125 -12.11 -2.29 36.86
CA PRO A 125 -12.78 -1.53 37.92
C PRO A 125 -12.24 -0.13 38.16
N GLY A 126 -13.07 0.88 37.93
CA GLY A 126 -12.66 2.24 38.15
C GLY A 126 -11.85 2.86 37.04
N ALA A 127 -11.56 2.11 35.97
CA ALA A 127 -10.81 2.67 34.86
C ALA A 127 -11.69 3.62 34.04
N LEU A 128 -12.98 3.27 33.88
CA LEU A 128 -13.89 4.15 33.16
C LEU A 128 -13.92 5.53 33.77
N GLU A 129 -14.13 5.57 35.09
CA GLU A 129 -14.25 6.83 35.79
C GLU A 129 -12.91 7.57 35.82
N ALA A 130 -11.82 6.86 36.04
CA ALA A 130 -10.53 7.53 36.02
C ALA A 130 -10.30 8.21 34.67
N ALA A 131 -10.75 7.57 33.58
CA ALA A 131 -10.60 8.12 32.24
C ALA A 131 -11.45 9.36 32.03
N ALA A 132 -12.63 9.42 32.65
CA ALA A 132 -13.39 10.67 32.65
C ALA A 132 -12.68 11.72 33.51
N GLU A 133 -12.13 11.30 34.65
CA GLU A 133 -11.48 12.22 35.57
C GLU A 133 -10.32 12.99 34.92
N THR A 134 -9.83 12.56 33.76
CA THR A 134 -8.66 13.18 33.14
C THR A 134 -9.01 14.13 31.99
N GLY A 135 -10.22 14.09 31.46
CA GLY A 135 -10.56 14.94 30.34
C GLY A 135 -9.80 14.65 29.06
N LEU A 136 -9.17 13.50 28.93
CA LEU A 136 -8.32 13.20 27.80
C LEU A 136 -9.06 12.37 26.78
N PRO A 137 -8.58 12.35 25.53
CA PRO A 137 -9.08 11.37 24.56
C PRO A 137 -8.79 9.93 25.00
N VAL A 138 -9.77 9.06 24.76
CA VAL A 138 -9.74 7.65 25.15
C VAL A 138 -10.05 6.82 23.90
N CYS A 139 -9.25 5.78 23.66
CA CYS A 139 -9.39 4.94 22.48
C CYS A 139 -10.05 3.61 22.86
N LEU A 140 -11.17 3.30 22.20
CA LEU A 140 -11.93 2.07 22.40
C LEU A 140 -11.56 1.07 21.31
N MET A 141 -11.17 -0.15 21.71
CA MET A 141 -10.84 -1.22 20.79
C MET A 141 -11.73 -2.42 21.09
N HIS A 142 -12.31 -3.00 20.05
CA HIS A 142 -13.06 -4.24 20.21
C HIS A 142 -12.13 -5.42 20.47
N MET A 143 -12.58 -6.33 21.33
CA MET A 143 -11.85 -7.57 21.60
C MET A 143 -12.78 -8.76 21.51
N GLN A 144 -13.47 -9.01 22.62
CA GLN A 144 -14.23 -10.23 22.89
C GLN A 144 -14.69 -10.20 24.33
N TYR A 156 -23.98 -15.13 12.79
CA TYR A 156 -23.03 -14.98 13.89
C TYR A 156 -21.66 -14.59 13.36
N ASP A 157 -21.40 -14.90 12.10
CA ASP A 157 -20.12 -14.53 11.51
C ASP A 157 -20.18 -13.12 10.94
N ASP A 158 -21.08 -12.30 11.47
CA ASP A 158 -21.13 -10.89 11.12
C ASP A 158 -20.18 -10.15 12.06
N VAL A 159 -18.89 -10.23 11.74
CA VAL A 159 -17.90 -9.51 12.54
C VAL A 159 -18.12 -8.03 12.42
N PHE A 160 -18.60 -7.55 11.28
CA PHE A 160 -18.81 -6.11 11.16
C PHE A 160 -19.99 -5.64 12.00
N ALA A 161 -21.11 -6.35 11.97
CA ALA A 161 -22.17 -6.03 12.90
C ALA A 161 -21.68 -6.19 14.34
N GLU A 162 -20.97 -7.28 14.62
CA GLU A 162 -20.44 -7.54 15.96
C GLU A 162 -19.59 -6.39 16.48
N VAL A 163 -18.76 -5.81 15.62
CA VAL A 163 -17.83 -4.76 16.03
C VAL A 163 -18.49 -3.39 15.97
N ASN A 164 -19.44 -3.19 15.06
CA ASN A 164 -20.19 -1.96 15.04
C ASN A 164 -21.02 -1.83 16.31
N ARG A 165 -21.79 -2.88 16.65
CA ARG A 165 -22.64 -2.84 17.85
C ARG A 165 -21.79 -2.79 19.10
N TYR A 166 -20.59 -3.36 19.08
CA TYR A 166 -19.70 -3.14 20.21
C TYR A 166 -19.30 -1.67 20.29
N PHE A 167 -19.22 -0.99 19.15
CA PHE A 167 -18.94 0.44 19.18
C PHE A 167 -20.18 1.23 19.60
N ILE A 168 -21.36 0.79 19.18
CA ILE A 168 -22.58 1.49 19.53
C ILE A 168 -22.86 1.37 21.02
N GLU A 169 -22.61 0.18 21.61
CA GLU A 169 -22.65 -0.02 23.06
C GLU A 169 -21.69 0.90 23.79
N GLN A 170 -20.38 0.68 23.59
CA GLN A 170 -19.36 1.36 24.38
C GLN A 170 -19.40 2.88 24.24
N ILE A 171 -19.83 3.42 23.10
CA ILE A 171 -19.85 4.88 22.97
C ILE A 171 -20.92 5.45 23.90
N ALA A 172 -22.00 4.71 24.12
CA ALA A 172 -22.99 5.12 25.11
C ALA A 172 -22.50 4.88 26.53
N ARG A 173 -21.87 3.74 26.81
CA ARG A 173 -21.36 3.50 28.16
C ARG A 173 -20.45 4.64 28.62
N CYS A 174 -19.67 5.18 27.70
CA CYS A 174 -18.78 6.28 28.01
C CYS A 174 -19.52 7.61 28.08
N GLU A 175 -20.55 7.79 27.25
CA GLU A 175 -21.32 9.04 27.30
C GLU A 175 -22.03 9.19 28.65
N GLN A 176 -22.58 8.08 29.19
CA GLN A 176 -23.16 8.10 30.53
C GLN A 176 -22.09 8.48 31.56
N ALA A 177 -20.87 7.97 31.37
CA ALA A 177 -19.74 8.32 32.24
C ALA A 177 -19.33 9.79 32.13
N GLY A 178 -19.81 10.52 31.12
CA GLY A 178 -19.48 11.92 30.95
C GLY A 178 -18.18 12.22 30.23
N ILE A 179 -17.69 11.31 29.38
CA ILE A 179 -16.60 11.65 28.44
C ILE A 179 -17.24 11.87 27.08
N ALA A 180 -17.11 13.10 26.57
CA ALA A 180 -17.85 13.50 25.39
C ALA A 180 -17.44 12.64 24.20
N LYS A 181 -18.42 12.35 23.32
CA LYS A 181 -18.15 11.54 22.14
C LYS A 181 -17.05 12.13 21.29
N GLU A 182 -16.87 13.44 21.35
CA GLU A 182 -15.82 14.06 20.55
C GLU A 182 -14.43 13.82 21.12
N LYS A 183 -14.31 13.11 22.24
CA LYS A 183 -13.05 12.63 22.77
C LYS A 183 -12.86 11.11 22.57
N LEU A 184 -13.64 10.49 21.68
CA LEU A 184 -13.72 9.04 21.52
C LEU A 184 -13.08 8.55 20.22
N LEU A 185 -12.19 7.57 20.33
CA LEU A 185 -11.46 7.00 19.20
C LEU A 185 -11.79 5.51 19.05
N LEU A 186 -12.02 5.08 17.80
CA LEU A 186 -12.48 3.72 17.51
C LEU A 186 -11.40 2.86 16.88
N ASP A 187 -11.22 1.65 17.39
CA ASP A 187 -10.19 0.70 16.95
C ASP A 187 -10.87 -0.65 16.75
N PRO A 188 -10.94 -1.17 15.53
CA PRO A 188 -11.74 -2.37 15.32
C PRO A 188 -11.25 -3.59 16.08
N GLY A 189 -9.96 -3.65 16.43
CA GLY A 189 -9.47 -4.82 17.14
C GLY A 189 -8.90 -5.88 16.21
N PHE A 190 -7.99 -5.45 15.36
CA PHE A 190 -7.21 -6.39 14.57
C PHE A 190 -6.33 -7.19 15.52
N GLY A 191 -6.36 -8.50 15.37
CA GLY A 191 -5.58 -9.40 16.17
C GLY A 191 -6.41 -10.06 17.25
N PHE A 192 -5.72 -10.54 18.28
CA PHE A 192 -6.34 -11.07 19.49
C PHE A 192 -7.10 -12.36 19.17
N GLY A 193 -8.42 -12.31 19.15
CA GLY A 193 -9.17 -13.54 18.96
C GLY A 193 -9.75 -13.79 17.59
N LYS A 194 -9.49 -12.93 16.60
CA LYS A 194 -10.11 -13.06 15.29
C LYS A 194 -9.19 -13.83 14.34
N ASN A 195 -9.79 -14.74 13.56
CA ASN A 195 -9.01 -15.53 12.59
C ASN A 195 -8.67 -14.70 11.35
N LEU A 196 -8.29 -15.37 10.27
CA LEU A 196 -7.92 -14.65 9.06
C LEU A 196 -9.15 -14.01 8.42
N SER A 197 -10.19 -14.79 8.18
CA SER A 197 -11.39 -14.29 7.52
C SER A 197 -11.89 -13.00 8.17
N HIS A 198 -12.24 -13.10 9.46
CA HIS A 198 -12.83 -11.99 10.21
C HIS A 198 -11.98 -10.72 10.07
N ASN A 199 -10.72 -10.82 10.45
CA ASN A 199 -9.72 -9.75 10.27
C ASN A 199 -9.91 -8.98 8.96
N TYR A 200 -9.83 -9.67 7.82
CA TYR A 200 -9.85 -9.00 6.53
C TYR A 200 -11.24 -8.54 6.12
N SER A 201 -12.31 -9.08 6.72
CA SER A 201 -13.61 -8.47 6.49
C SER A 201 -13.68 -7.08 7.13
N LEU A 202 -13.09 -6.95 8.32
CA LEU A 202 -12.98 -5.65 8.97
C LEU A 202 -12.16 -4.70 8.12
N LEU A 203 -10.93 -5.10 7.80
CA LEU A 203 -10.11 -4.27 6.94
C LEU A 203 -10.85 -3.85 5.69
N ALA A 204 -11.67 -4.74 5.14
CA ALA A 204 -12.37 -4.39 3.91
C ALA A 204 -13.39 -3.30 4.15
N ARG A 205 -14.19 -3.41 5.23
CA ARG A 205 -15.29 -2.50 5.54
C ARG A 205 -14.88 -1.37 6.50
N LEU A 206 -13.60 -1.01 6.53
CA LEU A 206 -13.10 -0.01 7.47
C LEU A 206 -13.86 1.31 7.35
N ALA A 207 -13.95 1.88 6.14
CA ALA A 207 -14.55 3.19 5.97
C ALA A 207 -16.03 3.22 6.34
N GLU A 208 -16.66 2.06 6.56
CA GLU A 208 -18.04 2.01 7.03
C GLU A 208 -18.19 2.46 8.47
N PHE A 209 -17.10 2.45 9.23
CA PHE A 209 -17.06 2.98 10.58
C PHE A 209 -16.92 4.49 10.62
N HIS A 210 -16.68 5.13 9.47
CA HIS A 210 -16.66 6.58 9.42
C HIS A 210 -18.03 7.18 9.73
N HIS A 211 -19.08 6.35 9.72
CA HIS A 211 -20.42 6.84 10.03
C HIS A 211 -20.49 7.44 11.44
N PHE A 212 -19.58 7.04 12.33
CA PHE A 212 -19.57 7.57 13.68
C PHE A 212 -19.10 9.03 13.72
N ASN A 213 -18.42 9.50 12.67
CA ASN A 213 -17.71 10.77 12.68
C ASN A 213 -16.61 10.80 13.72
N LEU A 214 -16.18 9.64 14.17
CA LEU A 214 -15.17 9.53 15.17
C LEU A 214 -13.87 9.07 14.55
N PRO A 215 -12.73 9.47 15.11
CA PRO A 215 -11.44 8.98 14.58
C PRO A 215 -11.26 7.49 14.75
N LEU A 216 -10.51 6.88 13.81
CA LEU A 216 -10.27 5.42 13.72
C LEU A 216 -8.78 5.12 13.86
N LEU A 217 -8.39 4.47 14.95
CA LEU A 217 -7.03 3.97 15.13
C LEU A 217 -6.98 2.49 14.77
N VAL A 218 -5.88 2.10 14.14
CA VAL A 218 -5.71 0.77 13.61
C VAL A 218 -4.29 0.33 13.91
N GLY A 219 -4.13 -0.85 14.47
CA GLY A 219 -2.83 -1.49 14.60
C GLY A 219 -2.82 -2.84 13.92
N MET A 220 -2.05 -2.98 12.85
CA MET A 220 -1.97 -4.25 12.15
C MET A 220 -0.55 -4.73 11.96
N SER A 221 0.44 -3.95 12.38
CA SER A 221 1.83 -4.17 12.01
C SER A 221 2.34 -5.50 12.56
N ARG A 222 2.97 -6.29 11.68
CA ARG A 222 3.52 -7.62 11.98
C ARG A 222 2.49 -8.56 12.61
N LYS A 223 1.21 -8.26 12.47
CA LYS A 223 0.20 -9.12 13.07
C LYS A 223 0.05 -10.40 12.26
N SER A 224 -0.69 -11.36 12.82
CA SER A 224 -0.74 -12.70 12.26
C SER A 224 -1.52 -12.74 10.95
N MET A 225 -2.44 -11.80 10.74
CA MET A 225 -3.03 -11.60 9.42
C MET A 225 -1.98 -11.23 8.35
N ILE A 226 -0.75 -10.89 8.72
CA ILE A 226 0.34 -10.82 7.76
C ILE A 226 1.27 -12.04 7.88
N GLY A 227 1.44 -12.61 9.07
CA GLY A 227 2.38 -13.72 9.23
C GLY A 227 1.88 -15.02 8.61
N GLN A 228 0.57 -15.28 8.73
CA GLN A 228 -0.01 -16.44 8.07
C GLN A 228 -0.04 -16.24 6.57
N LEU A 229 -0.40 -15.04 6.10
CA LEU A 229 -0.56 -14.84 4.66
C LEU A 229 0.76 -14.90 3.90
N LEU A 230 1.86 -14.52 4.54
CA LEU A 230 3.15 -14.40 3.88
C LEU A 230 4.16 -15.44 4.29
N ASN A 231 3.95 -16.11 5.43
CA ASN A 231 4.77 -17.24 5.91
C ASN A 231 6.20 -16.81 6.21
N VAL A 232 6.35 -15.83 7.10
CA VAL A 232 7.66 -15.28 7.43
C VAL A 232 7.76 -15.00 8.92
N GLY A 233 8.97 -15.13 9.46
CA GLY A 233 9.24 -14.82 10.83
C GLY A 233 8.76 -13.42 11.18
N PRO A 234 8.67 -13.11 12.48
CA PRO A 234 8.08 -11.84 12.88
C PRO A 234 8.90 -10.65 12.43
N SER A 235 10.19 -10.87 12.14
CA SER A 235 11.05 -9.78 11.67
C SER A 235 10.63 -9.29 10.29
N GLU A 236 10.40 -10.20 9.34
CA GLU A 236 10.13 -9.83 7.95
C GLU A 236 8.64 -9.99 7.64
N ARG A 237 7.86 -9.02 8.11
CA ARG A 237 6.49 -8.83 7.63
C ARG A 237 6.30 -7.42 7.13
N LEU A 238 7.42 -6.74 6.85
CA LEU A 238 7.41 -5.30 6.62
C LEU A 238 6.46 -4.91 5.50
N SER A 239 6.38 -5.73 4.44
CA SER A 239 5.64 -5.34 3.26
C SER A 239 4.14 -5.60 3.41
N GLY A 240 3.76 -6.81 3.82
CA GLY A 240 2.37 -7.04 4.12
C GLY A 240 1.84 -6.06 5.16
N SER A 241 2.71 -5.69 6.10
CA SER A 241 2.43 -4.60 7.03
C SER A 241 2.05 -3.35 6.26
N LEU A 242 3.05 -2.74 5.61
CA LEU A 242 2.89 -1.50 4.84
C LEU A 242 1.61 -1.48 4.02
N ALA A 243 1.25 -2.61 3.41
CA ALA A 243 0.05 -2.64 2.59
C ALA A 243 -1.20 -2.48 3.43
N CYS A 244 -1.25 -3.13 4.59
CA CYS A 244 -2.37 -2.92 5.51
C CYS A 244 -2.43 -1.46 5.94
N ALA A 245 -1.29 -0.83 6.17
CA ALA A 245 -1.28 0.58 6.55
C ALA A 245 -1.86 1.46 5.44
N VAL A 246 -1.57 1.16 4.19
CA VAL A 246 -2.08 1.98 3.09
C VAL A 246 -3.57 1.72 2.89
N ILE A 247 -4.01 0.47 2.97
CA ILE A 247 -5.43 0.17 2.75
C ILE A 247 -6.27 0.90 3.78
N ALA A 248 -5.91 0.75 5.06
CA ALA A 248 -6.54 1.52 6.13
C ALA A 248 -6.63 3.00 5.75
N ALA A 249 -5.47 3.62 5.52
CA ALA A 249 -5.38 5.05 5.27
C ALA A 249 -6.12 5.50 4.02
N MET A 250 -6.16 4.68 2.98
CA MET A 250 -6.91 5.03 1.78
C MET A 250 -8.41 5.11 2.02
N GLN A 251 -8.91 4.47 3.08
CA GLN A 251 -10.30 4.65 3.52
C GLN A 251 -10.44 5.73 4.60
N GLY A 252 -9.34 6.33 5.04
CA GLY A 252 -9.40 7.50 5.90
C GLY A 252 -9.09 7.23 7.35
N ALA A 253 -8.59 6.04 7.69
CA ALA A 253 -8.08 5.76 9.02
C ALA A 253 -7.14 6.87 9.43
N HIS A 254 -7.22 7.27 10.71
CA HIS A 254 -6.55 8.47 11.21
C HIS A 254 -5.28 8.18 12.00
N ILE A 255 -5.24 7.08 12.74
CA ILE A 255 -4.06 6.67 13.49
C ILE A 255 -3.69 5.27 13.04
N ILE A 256 -2.42 5.04 12.75
CA ILE A 256 -1.95 3.70 12.40
C ILE A 256 -0.77 3.37 13.31
N ARG A 257 -0.83 2.21 13.96
CA ARG A 257 0.04 1.85 15.07
C ARG A 257 0.99 0.74 14.63
N VAL A 258 2.27 1.10 14.45
CA VAL A 258 3.22 0.25 13.73
C VAL A 258 4.48 0.07 14.56
N HIS A 259 5.39 -0.77 14.06
CA HIS A 259 6.73 -0.93 14.60
C HIS A 259 7.80 -0.31 13.73
N ASP A 260 7.59 -0.25 12.41
CA ASP A 260 8.57 0.27 11.46
C ASP A 260 8.08 1.61 10.96
N VAL A 261 8.45 2.67 11.69
CA VAL A 261 7.85 3.97 11.51
C VAL A 261 8.37 4.67 10.25
N LYS A 262 9.70 4.67 10.03
CA LYS A 262 10.28 5.36 8.87
C LYS A 262 9.58 4.98 7.58
N GLU A 263 9.39 3.66 7.36
CA GLU A 263 8.72 3.14 6.17
C GLU A 263 7.24 3.53 6.12
N THR A 264 6.52 3.41 7.25
CA THR A 264 5.11 3.74 7.24
C THR A 264 4.89 5.23 6.98
N VAL A 265 5.73 6.09 7.54
CA VAL A 265 5.60 7.52 7.22
C VAL A 265 5.76 7.74 5.72
N GLU A 266 6.80 7.17 5.11
CA GLU A 266 7.03 7.41 3.70
C GLU A 266 5.82 7.00 2.86
N ALA A 267 5.31 5.78 3.08
CA ALA A 267 4.08 5.33 2.42
C ALA A 267 2.90 6.26 2.74
N MET A 268 2.78 6.69 3.98
CA MET A 268 1.72 7.62 4.31
C MET A 268 1.87 8.95 3.54
N ARG A 269 3.08 9.27 3.07
CA ARG A 269 3.28 10.52 2.35
C ARG A 269 2.58 10.49 1.00
N VAL A 270 2.63 9.33 0.36
CA VAL A 270 2.10 9.22 -0.99
C VAL A 270 0.61 8.87 -0.98
N VAL A 271 0.08 8.35 0.13
CA VAL A 271 -1.37 8.22 0.20
C VAL A 271 -2.00 9.60 0.40
N GLU A 272 -1.37 10.48 1.18
CA GLU A 272 -1.85 11.85 1.30
C GLU A 272 -1.81 12.55 -0.05
N ALA A 273 -0.76 12.29 -0.84
CA ALA A 273 -0.66 12.84 -2.18
C ALA A 273 -1.79 12.34 -3.06
N THR A 274 -2.29 11.14 -2.82
CA THR A 274 -3.37 10.58 -3.62
C THR A 274 -4.73 11.17 -3.23
N LEU A 275 -5.07 11.10 -1.95
CA LEU A 275 -6.35 11.63 -1.49
C LEU A 275 -6.43 13.15 -1.60
N SER A 276 -5.28 13.82 -1.79
CA SER A 276 -5.33 15.23 -2.14
C SER A 276 -5.62 15.44 -3.62
N ALA A 277 -5.24 14.51 -4.48
CA ALA A 277 -5.61 14.66 -5.88
C ALA A 277 -7.10 14.47 -6.12
N LYS A 278 -7.88 14.08 -5.12
CA LYS A 278 -9.31 13.94 -5.36
C LYS A 278 -10.05 15.25 -5.09
N GLU A 279 -11.33 15.28 -5.50
CA GLU A 279 -12.13 16.50 -5.49
C GLU A 279 -13.29 16.46 -4.47
N SER B 2 -13.56 -11.19 -14.22
CA SER B 2 -13.69 -12.33 -15.12
C SER B 2 -12.59 -12.35 -16.19
N MET B 3 -12.12 -11.14 -16.57
CA MET B 3 -11.24 -10.95 -17.72
C MET B 3 -10.11 -11.97 -17.77
N LYS B 4 -9.72 -12.34 -19.00
CA LYS B 4 -8.64 -13.28 -19.25
C LYS B 4 -7.98 -12.94 -20.58
N LEU B 5 -6.64 -13.00 -20.60
CA LEU B 5 -5.84 -12.61 -21.76
C LEU B 5 -5.30 -13.87 -22.43
N PHE B 6 -5.39 -13.93 -23.76
CA PHE B 6 -5.15 -15.16 -24.51
C PHE B 6 -4.04 -14.94 -25.53
N ALA B 7 -2.96 -15.71 -25.42
CA ALA B 7 -1.86 -15.61 -26.35
C ALA B 7 -1.06 -16.91 -26.31
N GLN B 8 -0.51 -17.28 -27.47
CA GLN B 8 0.35 -18.45 -27.64
C GLN B 8 -0.32 -19.75 -27.21
N GLY B 9 -1.64 -19.83 -27.35
CA GLY B 9 -2.37 -21.02 -26.95
C GLY B 9 -2.54 -21.21 -25.46
N THR B 10 -2.28 -20.18 -24.66
CA THR B 10 -2.38 -20.21 -23.20
C THR B 10 -3.12 -18.96 -22.73
N SER B 11 -3.44 -18.90 -21.44
CA SER B 11 -4.31 -17.83 -20.93
C SER B 11 -3.67 -17.08 -19.76
N LEU B 12 -4.51 -16.38 -18.99
CA LEU B 12 -4.04 -15.41 -18.01
C LEU B 12 -5.21 -14.96 -17.15
N ASP B 13 -5.20 -15.30 -15.86
CA ASP B 13 -6.37 -15.04 -15.02
C ASP B 13 -6.29 -13.64 -14.44
N LEU B 14 -6.83 -12.68 -15.18
CA LEU B 14 -6.72 -11.29 -14.76
C LEU B 14 -7.59 -10.94 -13.57
N SER B 15 -8.33 -11.89 -12.99
CA SER B 15 -9.15 -11.56 -11.83
C SER B 15 -8.26 -11.17 -10.65
N HIS B 16 -7.36 -12.04 -10.26
CA HIS B 16 -6.50 -11.50 -9.24
C HIS B 16 -5.36 -10.70 -9.87
N PRO B 17 -4.83 -9.69 -9.19
CA PRO B 17 -3.73 -8.91 -9.78
C PRO B 17 -2.51 -9.79 -10.04
N HIS B 18 -1.60 -9.25 -10.86
CA HIS B 18 -0.39 -9.94 -11.30
C HIS B 18 0.81 -9.06 -11.13
N VAL B 19 1.96 -9.65 -10.86
CA VAL B 19 3.19 -8.90 -10.67
C VAL B 19 4.11 -9.16 -11.85
N MET B 20 4.49 -8.09 -12.54
CA MET B 20 5.41 -8.12 -13.67
C MET B 20 6.78 -7.67 -13.23
N GLY B 21 7.78 -8.50 -13.47
CA GLY B 21 9.16 -8.11 -13.22
C GLY B 21 9.75 -7.36 -14.39
N ILE B 22 10.93 -6.81 -14.19
CA ILE B 22 11.62 -6.02 -15.21
C ILE B 22 12.99 -6.65 -15.46
N LEU B 23 13.18 -7.19 -16.66
CA LEU B 23 14.41 -7.86 -17.07
C LEU B 23 15.09 -6.94 -18.07
N ASN B 24 15.86 -5.99 -17.56
CA ASN B 24 16.68 -5.16 -18.43
C ASN B 24 17.85 -6.01 -18.94
N VAL B 25 17.92 -6.17 -20.26
CA VAL B 25 19.03 -6.95 -20.83
C VAL B 25 20.19 -6.05 -21.18
N THR B 26 20.07 -4.75 -20.97
CA THR B 26 21.05 -3.75 -21.37
C THR B 26 21.15 -3.77 -22.89
N SER B 38 25.95 -12.40 -19.50
CA SER B 38 24.92 -11.56 -20.12
C SER B 38 23.60 -12.31 -20.21
N LEU B 39 23.56 -13.35 -21.06
CA LEU B 39 22.35 -14.15 -21.21
C LEU B 39 22.18 -15.12 -20.05
N ILE B 40 23.28 -15.73 -19.60
CA ILE B 40 23.25 -16.49 -18.37
C ILE B 40 22.65 -15.64 -17.26
N ASP B 41 23.13 -14.39 -17.15
CA ASP B 41 22.65 -13.46 -16.13
C ASP B 41 21.19 -13.07 -16.34
N ALA B 42 20.73 -12.97 -17.59
CA ALA B 42 19.32 -12.70 -17.83
C ALA B 42 18.44 -13.83 -17.32
N VAL B 43 18.79 -15.08 -17.66
CA VAL B 43 17.95 -16.20 -17.22
C VAL B 43 17.96 -16.30 -15.70
N LYS B 44 19.05 -15.86 -15.06
CA LYS B 44 19.15 -15.93 -13.60
C LYS B 44 18.17 -14.96 -12.96
N HIS B 45 18.20 -13.71 -13.41
CA HIS B 45 17.23 -12.71 -12.95
C HIS B 45 15.79 -13.11 -13.31
N ALA B 46 15.59 -13.94 -14.34
CA ALA B 46 14.24 -14.43 -14.63
C ALA B 46 13.77 -15.41 -13.57
N ASN B 47 14.62 -16.36 -13.20
CA ASN B 47 14.27 -17.38 -12.22
C ASN B 47 13.91 -16.76 -10.87
N LEU B 48 14.70 -15.77 -10.42
CA LEU B 48 14.46 -15.19 -9.10
C LEU B 48 13.11 -14.51 -9.05
N MET B 49 12.80 -13.70 -10.07
CA MET B 49 11.48 -13.06 -10.12
C MET B 49 10.38 -14.11 -10.17
N ILE B 50 10.63 -15.22 -10.87
CA ILE B 50 9.61 -16.25 -10.96
C ILE B 50 9.38 -16.86 -9.58
N ASN B 51 10.46 -17.09 -8.84
CA ASN B 51 10.38 -17.60 -7.48
C ASN B 51 9.63 -16.64 -6.57
N ALA B 52 9.91 -15.35 -6.70
CA ALA B 52 9.30 -14.29 -5.91
C ALA B 52 7.84 -14.00 -6.27
N GLY B 53 7.23 -14.70 -7.22
CA GLY B 53 5.83 -14.57 -7.53
C GLY B 53 5.51 -14.01 -8.90
N ALA B 54 6.52 -13.55 -9.66
CA ALA B 54 6.28 -12.83 -10.90
C ALA B 54 5.53 -13.68 -11.92
N THR B 55 4.31 -13.27 -12.26
CA THR B 55 3.49 -13.97 -13.24
C THR B 55 3.80 -13.54 -14.68
N ILE B 56 4.55 -12.45 -14.85
CA ILE B 56 4.94 -11.96 -16.17
C ILE B 56 6.39 -11.51 -16.06
N ILE B 57 7.12 -11.56 -17.18
CA ILE B 57 8.50 -11.04 -17.25
C ILE B 57 8.65 -10.12 -18.46
N ASP B 58 8.98 -8.87 -18.21
CA ASP B 58 9.16 -7.87 -19.25
C ASP B 58 10.64 -7.78 -19.60
N VAL B 59 10.96 -8.05 -20.87
CA VAL B 59 12.34 -8.23 -21.34
C VAL B 59 12.76 -7.00 -22.13
N GLY B 60 13.88 -6.40 -21.77
CA GLY B 60 14.08 -5.01 -22.16
C GLY B 60 15.46 -4.53 -22.56
N GLY B 61 15.60 -4.24 -23.86
CA GLY B 61 16.85 -3.72 -24.39
C GLY B 61 16.66 -2.58 -25.36
N THR B 64 14.08 2.54 -24.05
CA THR B 64 12.83 2.84 -23.32
C THR B 64 12.97 3.83 -22.13
N ARG B 65 14.20 4.34 -21.86
CA ARG B 65 14.45 5.37 -20.86
C ARG B 65 14.81 6.71 -21.53
N PRO B 66 14.23 7.82 -21.06
CA PRO B 66 14.52 9.12 -21.70
C PRO B 66 16.01 9.45 -21.68
N GLY B 67 16.54 9.86 -22.84
CA GLY B 67 17.95 10.15 -22.98
C GLY B 67 18.87 8.95 -22.99
N ALA B 68 18.33 7.73 -22.90
CA ALA B 68 19.17 6.55 -22.94
C ALA B 68 19.68 6.29 -24.36
N ALA B 69 20.77 5.52 -24.44
CA ALA B 69 21.40 5.21 -25.72
C ALA B 69 20.39 4.63 -26.71
N GLU B 70 20.18 5.33 -27.81
CA GLU B 70 19.50 4.71 -28.92
C GLU B 70 20.26 3.46 -29.34
N VAL B 71 19.58 2.34 -29.35
CA VAL B 71 20.14 1.11 -29.85
C VAL B 71 19.66 0.91 -31.27
N SER B 72 20.37 0.06 -32.01
CA SER B 72 19.95 -0.29 -33.36
C SER B 72 18.98 -1.47 -33.34
N VAL B 73 18.37 -1.73 -34.50
CA VAL B 73 17.45 -2.85 -34.65
C VAL B 73 18.21 -4.16 -34.76
N GLU B 74 19.46 -4.09 -35.17
CA GLU B 74 20.29 -5.27 -35.10
C GLU B 74 20.66 -5.54 -33.65
N GLU B 75 21.10 -4.50 -32.94
CA GLU B 75 21.38 -4.58 -31.50
C GLU B 75 20.19 -5.12 -30.70
N GLU B 76 18.99 -4.62 -30.99
CA GLU B 76 17.84 -5.07 -30.22
C GLU B 76 17.60 -6.55 -30.40
N LEU B 77 17.28 -6.97 -31.63
CA LEU B 77 17.07 -8.38 -31.90
C LEU B 77 18.21 -9.21 -31.36
N GLN B 78 19.43 -8.65 -31.38
CA GLN B 78 20.61 -9.32 -30.84
C GLN B 78 20.47 -9.50 -29.34
N ARG B 79 19.97 -8.46 -28.66
CA ARG B 79 19.81 -8.46 -27.21
C ARG B 79 18.61 -9.29 -26.78
N VAL B 80 17.44 -8.99 -27.34
CA VAL B 80 16.19 -9.40 -26.73
C VAL B 80 15.66 -10.75 -27.24
N ILE B 81 15.99 -11.14 -28.47
CA ILE B 81 15.40 -12.34 -29.06
C ILE B 81 15.98 -13.61 -28.44
N PRO B 82 17.30 -13.72 -28.22
CA PRO B 82 17.81 -14.88 -27.48
C PRO B 82 17.31 -14.99 -26.05
N VAL B 83 16.85 -13.88 -25.44
CA VAL B 83 16.40 -13.93 -24.05
C VAL B 83 14.99 -14.54 -23.95
N VAL B 84 14.03 -14.02 -24.72
CA VAL B 84 12.70 -14.63 -24.75
C VAL B 84 12.79 -16.11 -25.10
N GLU B 85 13.73 -16.48 -25.96
CA GLU B 85 13.88 -17.90 -26.29
C GLU B 85 14.25 -18.69 -25.04
N ALA B 86 15.22 -18.19 -24.27
CA ALA B 86 15.73 -18.95 -23.13
C ALA B 86 14.67 -19.13 -22.07
N ILE B 87 13.77 -18.17 -21.97
CA ILE B 87 12.70 -18.27 -20.99
C ILE B 87 11.62 -19.23 -21.49
N ALA B 88 11.14 -19.02 -22.73
CA ALA B 88 10.03 -19.78 -23.26
C ALA B 88 10.24 -21.29 -23.12
N GLN B 89 11.50 -21.73 -23.19
CA GLN B 89 11.81 -23.16 -23.15
C GLN B 89 12.22 -23.64 -21.75
N ARG B 90 12.42 -22.73 -20.79
CA ARG B 90 12.86 -23.08 -19.44
C ARG B 90 11.85 -22.77 -18.35
N PHE B 91 10.85 -21.90 -18.60
CA PHE B 91 9.79 -21.60 -17.66
C PHE B 91 8.44 -21.60 -18.35
N GLU B 92 7.38 -21.66 -17.56
CA GLU B 92 6.01 -21.56 -18.06
C GLU B 92 5.46 -20.15 -17.94
N VAL B 93 6.31 -19.19 -17.60
CA VAL B 93 5.86 -17.85 -17.28
C VAL B 93 5.46 -17.11 -18.54
N TRP B 94 4.48 -16.24 -18.42
CA TRP B 94 4.19 -15.28 -19.48
C TRP B 94 5.28 -14.24 -19.61
N ILE B 95 5.48 -13.79 -20.85
CA ILE B 95 6.61 -12.95 -21.20
C ILE B 95 6.08 -11.77 -21.99
N SER B 96 6.48 -10.57 -21.58
CA SER B 96 6.20 -9.36 -22.31
C SER B 96 7.49 -8.85 -22.92
N VAL B 97 7.43 -8.40 -24.16
CA VAL B 97 8.57 -7.74 -24.78
C VAL B 97 8.36 -6.25 -24.67
N ASP B 98 9.35 -5.54 -24.13
CA ASP B 98 9.35 -4.08 -24.08
C ASP B 98 10.17 -3.61 -25.27
N THR B 99 9.47 -3.26 -26.35
CA THR B 99 10.14 -2.75 -27.54
C THR B 99 9.12 -2.00 -28.37
N SER B 100 9.64 -1.15 -29.25
CA SER B 100 8.81 -0.33 -30.12
C SER B 100 9.05 -0.58 -31.60
N LYS B 101 9.87 -1.59 -31.98
CA LYS B 101 10.31 -1.82 -33.35
C LYS B 101 9.57 -2.99 -34.00
N PRO B 102 9.17 -2.87 -35.28
CA PRO B 102 8.38 -3.96 -35.91
C PRO B 102 9.10 -5.31 -35.99
N GLU B 103 10.38 -5.33 -36.37
CA GLU B 103 11.11 -6.60 -36.41
C GLU B 103 11.03 -7.29 -35.05
N VAL B 104 11.38 -6.58 -33.99
CA VAL B 104 11.43 -7.16 -32.66
C VAL B 104 10.07 -7.75 -32.29
N ILE B 105 8.98 -7.16 -32.79
CA ILE B 105 7.64 -7.67 -32.55
C ILE B 105 7.47 -9.02 -33.24
N ARG B 106 7.51 -9.00 -34.58
CA ARG B 106 7.34 -10.21 -35.38
C ARG B 106 8.26 -11.31 -34.89
N GLU B 107 9.56 -11.00 -34.70
CA GLU B 107 10.53 -12.02 -34.40
C GLU B 107 10.31 -12.61 -33.01
N SER B 108 9.98 -11.75 -32.04
CA SER B 108 9.76 -12.23 -30.68
C SER B 108 8.46 -12.99 -30.58
N ALA B 109 7.44 -12.58 -31.35
CA ALA B 109 6.22 -13.38 -31.45
C ALA B 109 6.55 -14.79 -31.90
N LYS B 110 7.47 -14.92 -32.85
CA LYS B 110 7.86 -16.24 -33.34
C LYS B 110 8.49 -17.07 -32.24
N VAL B 111 9.13 -16.44 -31.26
CA VAL B 111 9.94 -17.17 -30.29
C VAL B 111 9.21 -17.40 -28.96
N GLY B 112 7.91 -17.17 -28.93
CA GLY B 112 7.11 -17.51 -27.77
C GLY B 112 6.75 -16.36 -26.86
N ALA B 113 6.95 -15.13 -27.33
CA ALA B 113 6.49 -13.95 -26.61
C ALA B 113 4.98 -13.96 -26.48
N HIS B 114 4.49 -13.44 -25.36
CA HIS B 114 3.06 -13.38 -25.12
C HIS B 114 2.49 -11.97 -25.30
N ILE B 115 2.98 -10.98 -24.54
CA ILE B 115 2.48 -9.62 -24.62
C ILE B 115 3.49 -8.75 -25.38
N ILE B 116 2.99 -7.98 -26.34
CA ILE B 116 3.71 -6.83 -26.86
C ILE B 116 3.51 -5.67 -25.92
N ASN B 117 4.60 -5.04 -25.50
CA ASN B 117 4.56 -3.88 -24.61
C ASN B 117 5.21 -2.70 -25.34
N ASP B 118 4.43 -2.00 -26.15
CA ASP B 118 4.95 -0.81 -26.82
C ASP B 118 4.58 0.44 -26.03
N ILE B 119 5.56 1.00 -25.33
CA ILE B 119 5.35 2.25 -24.61
C ILE B 119 5.10 3.40 -25.57
N ARG B 120 5.45 3.23 -26.84
CA ARG B 120 5.17 4.22 -27.88
C ARG B 120 3.97 3.83 -28.71
N SER B 121 3.00 3.15 -28.08
CA SER B 121 1.70 2.74 -28.63
C SER B 121 1.64 2.53 -30.15
N LEU B 122 2.38 1.54 -30.63
CA LEU B 122 2.47 1.14 -32.05
C LEU B 122 2.53 2.32 -33.02
N SER B 123 3.28 3.36 -32.67
CA SER B 123 3.36 4.57 -33.48
C SER B 123 4.55 4.59 -34.44
N GLU B 124 5.49 3.66 -34.29
CA GLU B 124 6.58 3.54 -35.24
C GLU B 124 6.10 2.99 -36.59
N PRO B 125 6.74 3.39 -37.70
CA PRO B 125 6.31 2.88 -39.01
C PRO B 125 6.37 1.36 -39.04
N GLY B 126 5.22 0.75 -39.33
CA GLY B 126 5.12 -0.69 -39.38
C GLY B 126 4.97 -1.40 -38.06
N ALA B 127 4.84 -0.69 -36.95
CA ALA B 127 4.63 -1.39 -35.69
C ALA B 127 3.18 -1.87 -35.56
N LEU B 128 2.22 -1.00 -35.84
CA LEU B 128 0.82 -1.39 -35.84
C LEU B 128 0.61 -2.65 -36.67
N GLU B 129 1.09 -2.61 -37.93
CA GLU B 129 1.01 -3.76 -38.82
C GLU B 129 1.70 -4.98 -38.23
N ALA B 130 2.93 -4.82 -37.75
CA ALA B 130 3.63 -5.94 -37.13
C ALA B 130 2.91 -6.45 -35.88
N ALA B 131 2.31 -5.56 -35.10
CA ALA B 131 1.52 -6.04 -33.97
C ALA B 131 0.22 -6.67 -34.42
N ALA B 132 -0.15 -6.48 -35.70
CA ALA B 132 -1.32 -7.18 -36.20
C ALA B 132 -0.94 -8.60 -36.61
N GLU B 133 0.06 -8.73 -37.48
CA GLU B 133 0.52 -10.03 -38.00
C GLU B 133 0.81 -11.04 -36.90
N THR B 134 0.89 -10.60 -35.66
CA THR B 134 1.05 -11.49 -34.53
C THR B 134 -0.18 -11.29 -33.66
N GLY B 135 -0.95 -12.35 -33.48
CA GLY B 135 -2.26 -12.18 -32.88
C GLY B 135 -2.27 -12.05 -31.37
N LEU B 136 -1.25 -11.36 -30.83
CA LEU B 136 -0.86 -11.17 -29.45
C LEU B 136 -1.47 -9.91 -28.86
N PRO B 137 -1.60 -9.85 -27.54
CA PRO B 137 -2.06 -8.62 -26.87
C PRO B 137 -1.02 -7.50 -26.86
N VAL B 138 -1.51 -6.30 -27.13
CA VAL B 138 -0.70 -5.09 -27.17
C VAL B 138 -1.08 -4.22 -26.00
N CYS B 139 -0.07 -3.62 -25.36
CA CYS B 139 -0.29 -2.69 -24.25
C CYS B 139 -0.17 -1.27 -24.76
N LEU B 140 -1.23 -0.48 -24.59
CA LEU B 140 -1.26 0.94 -24.94
C LEU B 140 -0.82 1.81 -23.77
N MET B 141 0.02 2.80 -24.05
CA MET B 141 0.64 3.64 -23.03
C MET B 141 0.51 5.10 -23.43
N HIS B 142 0.03 5.92 -22.50
CA HIS B 142 -0.09 7.34 -22.74
C HIS B 142 1.21 8.05 -22.35
N MET B 143 1.67 8.94 -23.22
CA MET B 143 2.79 9.81 -22.89
C MET B 143 2.69 11.06 -23.74
N GLN B 144 3.66 11.96 -23.56
CA GLN B 144 3.72 13.24 -24.27
C GLN B 144 5.07 13.92 -24.09
N TYR B 156 -3.96 21.11 -18.76
CA TYR B 156 -4.65 22.38 -18.97
C TYR B 156 -6.12 22.29 -18.54
N ASP B 157 -6.77 21.18 -18.92
CA ASP B 157 -8.16 20.91 -18.60
C ASP B 157 -8.30 19.79 -17.59
N ASP B 158 -7.68 18.65 -17.85
CA ASP B 158 -7.84 17.46 -17.03
C ASP B 158 -6.97 16.35 -17.58
N VAL B 159 -5.95 15.93 -16.82
CA VAL B 159 -5.02 14.93 -17.32
C VAL B 159 -5.72 13.61 -17.49
N PHE B 160 -6.73 13.31 -16.66
CA PHE B 160 -7.55 12.14 -16.90
C PHE B 160 -8.35 12.27 -18.19
N ALA B 161 -8.92 13.44 -18.44
CA ALA B 161 -9.61 13.65 -19.71
C ALA B 161 -8.65 13.41 -20.87
N GLU B 162 -7.43 13.94 -20.80
CA GLU B 162 -6.50 13.81 -21.91
C GLU B 162 -6.09 12.34 -22.13
N VAL B 163 -5.76 11.64 -21.04
CA VAL B 163 -5.43 10.21 -21.13
C VAL B 163 -6.58 9.44 -21.74
N ASN B 164 -7.79 9.63 -21.20
CA ASN B 164 -8.96 8.87 -21.67
C ASN B 164 -9.20 9.08 -23.16
N ARG B 165 -9.18 10.34 -23.63
CA ARG B 165 -9.37 10.60 -25.06
C ARG B 165 -8.25 9.98 -25.88
N TYR B 166 -7.06 9.81 -25.30
CA TYR B 166 -5.99 9.09 -25.96
C TYR B 166 -6.32 7.60 -26.09
N PHE B 167 -6.87 6.99 -25.04
CA PHE B 167 -7.27 5.59 -25.17
C PHE B 167 -8.41 5.43 -26.16
N ILE B 168 -9.37 6.35 -26.14
CA ILE B 168 -10.41 6.38 -27.18
C ILE B 168 -9.79 6.37 -28.58
N GLU B 169 -8.73 7.15 -28.78
CA GLU B 169 -8.05 7.18 -30.08
C GLU B 169 -7.38 5.85 -30.38
N GLN B 170 -6.26 5.55 -29.69
CA GLN B 170 -5.45 4.38 -30.04
C GLN B 170 -6.20 3.05 -29.90
N ILE B 171 -7.33 3.01 -29.17
CA ILE B 171 -8.15 1.79 -29.20
C ILE B 171 -8.81 1.63 -30.56
N ALA B 172 -9.07 2.73 -31.27
CA ALA B 172 -9.70 2.66 -32.59
C ALA B 172 -8.70 2.39 -33.71
N ARG B 173 -7.60 3.15 -33.74
CA ARG B 173 -6.53 2.92 -34.71
C ARG B 173 -6.03 1.49 -34.66
N CYS B 174 -6.10 0.87 -33.48
CA CYS B 174 -5.79 -0.56 -33.35
C CYS B 174 -6.91 -1.43 -33.91
N GLU B 175 -8.17 -1.10 -33.60
CA GLU B 175 -9.27 -1.93 -34.07
C GLU B 175 -9.42 -1.86 -35.58
N GLN B 176 -9.18 -0.68 -36.17
CA GLN B 176 -9.21 -0.58 -37.62
C GLN B 176 -8.06 -1.36 -38.23
N ALA B 177 -6.91 -1.37 -37.56
CA ALA B 177 -5.90 -2.37 -37.82
C ALA B 177 -6.47 -3.73 -37.47
N GLY B 178 -5.68 -4.79 -37.62
CA GLY B 178 -6.20 -6.13 -37.47
C GLY B 178 -6.86 -6.42 -36.13
N ILE B 179 -6.37 -5.82 -35.05
CA ILE B 179 -6.58 -6.34 -33.70
C ILE B 179 -7.93 -5.92 -33.11
N ALA B 180 -8.42 -6.75 -32.21
CA ALA B 180 -9.67 -6.58 -31.49
C ALA B 180 -9.46 -5.81 -30.19
N LYS B 181 -10.58 -5.39 -29.59
CA LYS B 181 -10.50 -4.70 -28.31
C LYS B 181 -10.15 -5.65 -27.17
N GLU B 182 -10.58 -6.93 -27.24
CA GLU B 182 -10.29 -7.96 -26.24
C GLU B 182 -8.84 -8.40 -26.23
N LYS B 183 -7.98 -7.72 -27.00
CA LYS B 183 -6.54 -7.93 -26.99
C LYS B 183 -5.78 -6.78 -26.38
N LEU B 184 -6.43 -5.64 -26.14
CA LEU B 184 -5.72 -4.45 -25.71
C LEU B 184 -5.51 -4.41 -24.19
N LEU B 185 -4.38 -3.81 -23.82
CA LEU B 185 -4.09 -3.41 -22.45
C LEU B 185 -4.00 -1.88 -22.41
N LEU B 186 -4.59 -1.30 -21.36
CA LEU B 186 -4.55 0.16 -21.14
C LEU B 186 -3.65 0.52 -19.97
N ASP B 187 -2.89 1.57 -20.15
CA ASP B 187 -1.84 1.94 -19.21
C ASP B 187 -1.65 3.46 -19.29
N PRO B 188 -1.94 4.20 -18.22
CA PRO B 188 -1.74 5.65 -18.26
C PRO B 188 -0.26 5.93 -18.11
N GLY B 189 0.18 7.18 -18.06
CA GLY B 189 1.61 7.32 -18.32
C GLY B 189 2.52 7.74 -17.20
N PHE B 190 2.72 6.87 -16.20
CA PHE B 190 3.39 7.28 -14.97
C PHE B 190 4.90 7.38 -15.17
N GLY B 191 5.45 8.56 -14.89
CA GLY B 191 6.81 8.87 -15.26
C GLY B 191 6.75 9.81 -16.44
N PHE B 192 7.72 9.75 -17.33
CA PHE B 192 7.57 10.31 -18.68
C PHE B 192 7.09 11.75 -18.62
N GLY B 193 7.74 12.56 -17.79
CA GLY B 193 7.52 13.99 -17.78
C GLY B 193 6.29 14.50 -17.06
N LYS B 194 5.30 13.63 -16.79
CA LYS B 194 4.16 14.06 -15.98
C LYS B 194 4.64 14.56 -14.63
N ASN B 195 4.13 15.72 -14.19
CA ASN B 195 4.57 16.25 -12.91
C ASN B 195 3.80 15.57 -11.78
N LEU B 196 4.17 15.94 -10.55
CA LEU B 196 3.77 15.19 -9.36
C LEU B 196 2.26 15.14 -9.18
N SER B 197 1.57 16.25 -9.42
CA SER B 197 0.11 16.23 -9.32
C SER B 197 -0.52 15.46 -10.48
N HIS B 198 -0.09 15.75 -11.72
CA HIS B 198 -0.58 15.02 -12.88
C HIS B 198 -0.45 13.52 -12.65
N ASN B 199 0.72 13.10 -12.16
CA ASN B 199 0.92 11.72 -11.79
C ASN B 199 -0.11 11.26 -10.77
N TYR B 200 -0.19 11.97 -9.63
CA TYR B 200 -1.02 11.51 -8.51
C TYR B 200 -2.51 11.68 -8.75
N SER B 201 -2.91 12.54 -9.67
CA SER B 201 -4.31 12.57 -10.09
C SER B 201 -4.68 11.35 -10.93
N LEU B 202 -3.76 10.88 -11.77
CA LEU B 202 -4.04 9.65 -12.51
C LEU B 202 -4.23 8.48 -11.57
N LEU B 203 -3.28 8.30 -10.64
CA LEU B 203 -3.38 7.23 -9.67
C LEU B 203 -4.67 7.27 -8.87
N ALA B 204 -5.33 8.44 -8.79
CA ALA B 204 -6.54 8.56 -7.99
C ALA B 204 -7.82 8.33 -8.80
N ARG B 205 -7.80 8.56 -10.11
CA ARG B 205 -8.95 8.28 -10.95
C ARG B 205 -8.76 6.99 -11.75
N LEU B 206 -7.82 6.15 -11.33
CA LEU B 206 -7.38 5.01 -12.13
C LEU B 206 -8.51 4.01 -12.35
N ALA B 207 -9.33 3.74 -11.34
CA ALA B 207 -10.41 2.79 -11.52
C ALA B 207 -11.38 3.24 -12.60
N GLU B 208 -11.42 4.54 -12.90
CA GLU B 208 -12.36 5.03 -13.89
C GLU B 208 -12.08 4.42 -15.27
N PHE B 209 -10.82 4.06 -15.53
CA PHE B 209 -10.44 3.43 -16.79
C PHE B 209 -11.02 2.03 -16.97
N HIS B 210 -11.54 1.42 -15.90
CA HIS B 210 -12.30 0.19 -16.06
C HIS B 210 -13.55 0.38 -16.91
N HIS B 211 -14.06 1.61 -17.02
CA HIS B 211 -15.20 1.87 -17.89
C HIS B 211 -14.92 1.32 -19.29
N PHE B 212 -13.65 1.34 -19.70
CA PHE B 212 -13.27 0.73 -20.97
C PHE B 212 -13.64 -0.74 -21.02
N ASN B 213 -13.58 -1.42 -19.88
CA ASN B 213 -13.76 -2.87 -19.79
C ASN B 213 -12.55 -3.59 -20.39
N LEU B 214 -11.36 -3.03 -20.16
CA LEU B 214 -10.09 -3.50 -20.70
C LEU B 214 -9.09 -3.62 -19.58
N PRO B 215 -8.16 -4.57 -19.68
CA PRO B 215 -7.16 -4.74 -18.61
C PRO B 215 -6.34 -3.48 -18.35
N LEU B 216 -6.05 -3.26 -17.08
CA LEU B 216 -5.28 -2.12 -16.58
C LEU B 216 -3.93 -2.63 -16.11
N LEU B 217 -2.86 -2.20 -16.78
CA LEU B 217 -1.50 -2.44 -16.35
C LEU B 217 -0.89 -1.10 -15.98
N VAL B 218 -0.25 -1.01 -14.82
CA VAL B 218 0.42 0.22 -14.40
C VAL B 218 1.85 -0.10 -13.98
N GLY B 219 2.71 0.92 -14.06
CA GLY B 219 4.08 0.83 -13.62
C GLY B 219 4.53 2.07 -12.86
N MET B 220 4.95 1.88 -11.62
CA MET B 220 5.27 2.99 -10.74
C MET B 220 6.48 2.76 -9.85
N SER B 221 7.08 1.58 -9.88
CA SER B 221 8.25 1.28 -9.05
C SER B 221 9.39 2.28 -9.27
N ARG B 222 9.80 2.93 -8.19
CA ARG B 222 10.92 3.87 -8.18
C ARG B 222 10.79 4.97 -9.26
N LYS B 223 9.56 5.42 -9.54
CA LYS B 223 9.40 6.53 -10.46
C LYS B 223 9.62 7.86 -9.75
N SER B 224 9.47 8.96 -10.51
CA SER B 224 9.70 10.31 -10.01
C SER B 224 8.58 10.80 -9.11
N MET B 225 7.37 10.22 -9.22
CA MET B 225 6.31 10.53 -8.27
C MET B 225 6.66 10.06 -6.87
N ILE B 226 7.63 9.16 -6.73
CA ILE B 226 8.11 8.77 -5.42
C ILE B 226 9.45 9.46 -5.20
N GLY B 227 10.22 9.64 -6.25
CA GLY B 227 11.53 10.27 -6.11
C GLY B 227 11.44 11.70 -5.65
N GLN B 228 10.49 12.47 -6.18
CA GLN B 228 10.32 13.87 -5.80
C GLN B 228 9.73 13.96 -4.38
N LEU B 229 8.42 13.70 -4.22
CA LEU B 229 7.79 13.53 -2.91
C LEU B 229 8.45 12.40 -2.11
N LEU B 230 9.68 12.66 -1.62
CA LEU B 230 10.43 11.82 -0.69
C LEU B 230 11.84 12.41 -0.54
N ASN B 231 12.31 13.10 -1.58
CA ASN B 231 13.66 13.68 -1.64
C ASN B 231 14.68 12.61 -1.28
N VAL B 232 14.73 11.61 -2.15
CA VAL B 232 15.33 10.32 -1.82
C VAL B 232 15.86 9.73 -3.12
N GLY B 233 16.98 8.98 -3.00
CA GLY B 233 17.67 8.39 -4.13
C GLY B 233 16.93 7.23 -4.74
N PRO B 234 17.39 6.78 -5.91
CA PRO B 234 16.63 5.75 -6.64
C PRO B 234 16.54 4.43 -5.90
N SER B 235 17.49 4.15 -5.01
CA SER B 235 17.57 2.84 -4.36
C SER B 235 16.46 2.66 -3.33
N GLU B 236 16.20 3.70 -2.55
CA GLU B 236 15.40 3.67 -1.32
C GLU B 236 14.00 4.25 -1.52
N ARG B 237 13.33 3.78 -2.57
CA ARG B 237 11.93 4.12 -2.88
C ARG B 237 11.01 2.90 -2.76
N LEU B 238 11.48 1.86 -2.08
CA LEU B 238 10.70 0.62 -1.99
C LEU B 238 9.36 0.85 -1.30
N SER B 239 9.36 1.55 -0.16
CA SER B 239 8.10 1.67 0.57
C SER B 239 7.12 2.55 -0.20
N GLY B 240 7.60 3.66 -0.76
CA GLY B 240 6.74 4.50 -1.58
C GLY B 240 6.20 3.73 -2.77
N SER B 241 7.05 2.89 -3.37
CA SER B 241 6.64 2.09 -4.51
C SER B 241 5.58 1.07 -4.12
N LEU B 242 5.83 0.29 -3.06
CA LEU B 242 4.83 -0.66 -2.57
C LEU B 242 3.47 0.00 -2.41
N ALA B 243 3.45 1.23 -1.87
CA ALA B 243 2.20 1.94 -1.66
C ALA B 243 1.45 2.19 -2.96
N CYS B 244 2.16 2.70 -3.97
CA CYS B 244 1.50 3.01 -5.24
C CYS B 244 0.95 1.76 -5.89
N ALA B 245 1.64 0.64 -5.70
CA ALA B 245 1.11 -0.65 -6.14
C ALA B 245 -0.18 -0.99 -5.41
N VAL B 246 -0.21 -0.84 -4.08
CA VAL B 246 -1.37 -1.28 -3.31
C VAL B 246 -2.56 -0.36 -3.51
N ILE B 247 -2.32 0.93 -3.76
CA ILE B 247 -3.39 1.81 -4.21
C ILE B 247 -3.88 1.39 -5.58
N ALA B 248 -2.95 1.08 -6.49
CA ALA B 248 -3.34 0.66 -7.84
C ALA B 248 -4.07 -0.68 -7.82
N ALA B 249 -3.61 -1.59 -6.97
CA ALA B 249 -4.21 -2.91 -6.94
C ALA B 249 -5.61 -2.85 -6.36
N MET B 250 -5.79 -2.16 -5.22
CA MET B 250 -7.10 -2.03 -4.61
C MET B 250 -8.11 -1.30 -5.48
N GLN B 251 -7.67 -0.67 -6.58
CA GLN B 251 -8.61 -0.11 -7.54
C GLN B 251 -8.86 -1.00 -8.75
N GLY B 252 -8.13 -2.11 -8.89
CA GLY B 252 -8.43 -3.12 -9.88
C GLY B 252 -7.45 -3.24 -11.02
N ALA B 253 -6.26 -2.67 -10.89
CA ALA B 253 -5.21 -2.88 -11.88
C ALA B 253 -4.87 -4.36 -11.98
N HIS B 254 -4.87 -4.89 -13.22
CA HIS B 254 -4.63 -6.32 -13.42
C HIS B 254 -3.16 -6.70 -13.35
N ILE B 255 -2.25 -5.80 -13.78
CA ILE B 255 -0.81 -6.07 -13.88
C ILE B 255 -0.05 -4.84 -13.36
N ILE B 256 1.05 -5.11 -12.65
CA ILE B 256 1.82 -4.08 -11.95
C ILE B 256 3.32 -4.34 -12.17
N ARG B 257 4.03 -3.39 -12.80
CA ARG B 257 5.40 -3.58 -13.28
C ARG B 257 6.44 -3.05 -12.27
N VAL B 258 7.22 -3.96 -11.66
CA VAL B 258 8.08 -3.65 -10.51
C VAL B 258 9.48 -4.27 -10.66
N HIS B 259 10.50 -3.58 -10.12
CA HIS B 259 11.84 -4.15 -9.94
C HIS B 259 11.91 -5.05 -8.71
N ASP B 260 11.18 -4.69 -7.64
CA ASP B 260 11.28 -5.38 -6.34
C ASP B 260 10.09 -6.29 -6.16
N VAL B 261 10.24 -7.52 -6.63
CA VAL B 261 9.11 -8.39 -6.89
C VAL B 261 8.72 -9.20 -5.67
N LYS B 262 9.72 -9.69 -4.93
CA LYS B 262 9.45 -10.41 -3.68
C LYS B 262 8.56 -9.58 -2.79
N GLU B 263 8.82 -8.27 -2.75
CA GLU B 263 8.13 -7.30 -1.91
C GLU B 263 6.77 -6.93 -2.48
N THR B 264 6.62 -6.93 -3.80
CA THR B 264 5.35 -6.56 -4.38
C THR B 264 4.33 -7.68 -4.23
N VAL B 265 4.73 -8.93 -4.46
CA VAL B 265 3.75 -10.00 -4.32
C VAL B 265 3.37 -10.17 -2.85
N GLU B 266 4.29 -9.90 -1.91
CA GLU B 266 3.91 -9.82 -0.50
C GLU B 266 2.77 -8.83 -0.27
N ALA B 267 2.93 -7.62 -0.78
CA ALA B 267 1.87 -6.63 -0.68
C ALA B 267 0.62 -7.05 -1.45
N MET B 268 0.76 -7.77 -2.57
CA MET B 268 -0.44 -8.09 -3.33
C MET B 268 -1.25 -9.19 -2.68
N ARG B 269 -0.58 -10.05 -1.90
CA ARG B 269 -1.28 -11.10 -1.15
C ARG B 269 -2.27 -10.50 -0.16
N VAL B 270 -1.86 -9.46 0.56
CA VAL B 270 -2.82 -8.82 1.47
C VAL B 270 -3.89 -8.06 0.67
N VAL B 271 -3.50 -7.42 -0.44
CA VAL B 271 -4.51 -6.84 -1.32
C VAL B 271 -5.53 -7.90 -1.71
N GLU B 272 -5.05 -9.05 -2.15
CA GLU B 272 -5.96 -10.13 -2.52
C GLU B 272 -6.86 -10.51 -1.36
N ALA B 273 -6.33 -10.46 -0.14
CA ALA B 273 -7.07 -10.92 1.01
C ALA B 273 -8.21 -9.95 1.39
N THR B 274 -7.97 -8.66 1.27
CA THR B 274 -9.05 -7.71 1.55
C THR B 274 -10.07 -7.66 0.41
N LEU B 275 -9.62 -7.60 -0.84
CA LEU B 275 -10.55 -7.68 -1.96
C LEU B 275 -11.49 -8.87 -1.85
N SER B 276 -11.00 -9.98 -1.31
CA SER B 276 -11.76 -11.21 -1.30
C SER B 276 -12.74 -11.23 -0.15
N ALA B 277 -12.32 -11.80 0.98
CA ALA B 277 -13.06 -11.60 2.22
C ALA B 277 -13.32 -10.10 2.37
#